data_4NTJ
#
_entry.id   4NTJ
#
_cell.length_a   98.650
_cell.length_b   156.430
_cell.length_c   47.770
_cell.angle_alpha   90.00
_cell.angle_beta   111.08
_cell.angle_gamma   90.00
#
_symmetry.space_group_name_H-M   'C 1 2 1'
#
loop_
_entity.id
_entity.type
_entity.pdbx_description
1 polymer 'P2Y purinoceptor 12,Soluble cytochrome b562,P2Y purinoceptor 12'
2 non-polymer 'ethyl 6-{4-[(benzylsulfonyl)carbamoyl]piperidin-1-yl}-5-cyano-2-methylpyridine-3-carboxylate'
3 non-polymer CHOLESTEROL
4 non-polymer '(2R)-2,3-dihydroxypropyl (9Z)-octadec-9-enoate'
5 water water
#
_entity_poly.entity_id   1
_entity_poly.type   'polypeptide(L)'
_entity_poly.pdbx_seq_one_letter_code
;DYKDDDDGAPQAVDNLTSAPGNTSLCTRDYKITQVLFPLLYTVLFFVGLITNGLAMRIFFQIRSKSNFIIFLKNTVISDL
LMILTFPFKILSDAKLGTGPLRTFVCQVTSVIFYFTMYISISFLGLITIDRYQKTTRPFKTSNPKNLLGAKILSVVIWAF
MFLLSLPNMILTNRQPRDKNVKKCSFLKSEFGLVWHEIVNYICQVIFWINFLIVIVCYTLITKELYRSYVRTADLEDNWE
TLNDNLKVIEKADNAAQVKDALTKMRAAALDAQKATPPKLEDKSPDSPEMKDFRHGFDILVGQIDDALKLANEGKVKEAQ
AAAEQLKTTRNAYIQKYLRGVGKVPRKKVNVKVFIIIAVFFICFVPFHFARIPYTLSQTRDVFDCTAENTLFYVKESTLW
LTSLNACLNPFIYFFLCKSFRNSLISMLKCPNSATSLSQDNRKKEQDGGDPNEETPMGRPLEVLFQ
;
_entity_poly.pdbx_strand_id   A
#
loop_
_chem_comp.id
_chem_comp.type
_chem_comp.name
_chem_comp.formula
AZJ non-polymer 'ethyl 6-{4-[(benzylsulfonyl)carbamoyl]piperidin-1-yl}-5-cyano-2-methylpyridine-3-carboxylate' 'C23 H26 N4 O5 S'
CLR non-polymer CHOLESTEROL 'C27 H46 O'
OLC non-polymer '(2R)-2,3-dihydroxypropyl (9Z)-octadec-9-enoate' 'C21 H40 O4'
#
# COMPACT_ATOMS: atom_id res chain seq x y z
N LEU A 25 -0.31 -14.64 -41.26
CA LEU A 25 0.71 -15.62 -41.62
C LEU A 25 0.90 -16.64 -40.47
N CYS A 26 0.97 -16.13 -39.22
CA CYS A 26 1.13 -16.91 -38.00
C CYS A 26 -0.26 -17.16 -37.41
N THR A 27 -0.59 -18.43 -37.13
CA THR A 27 -1.93 -18.81 -36.66
C THR A 27 -1.94 -19.19 -35.18
N ARG A 28 -3.02 -18.77 -34.47
CA ARG A 28 -3.25 -19.06 -33.06
C ARG A 28 -4.64 -19.66 -32.87
N ASP A 29 -4.83 -20.42 -31.76
CA ASP A 29 -6.09 -21.09 -31.42
C ASP A 29 -7.22 -20.09 -31.26
N TYR A 30 -8.36 -20.32 -31.98
CA TYR A 30 -9.54 -19.45 -31.95
C TYR A 30 -10.25 -19.51 -30.58
N LYS A 31 -10.13 -20.64 -29.86
CA LYS A 31 -10.72 -20.86 -28.54
C LYS A 31 -10.16 -19.88 -27.50
N ILE A 32 -8.94 -19.34 -27.74
CA ILE A 32 -8.30 -18.38 -26.83
C ILE A 32 -8.47 -16.95 -27.39
N THR A 33 -8.20 -16.79 -28.70
CA THR A 33 -8.24 -15.54 -29.46
C THR A 33 -9.66 -14.95 -29.56
N GLN A 34 -10.62 -15.73 -30.04
CA GLN A 34 -11.98 -15.26 -30.32
C GLN A 34 -13.03 -15.69 -29.28
N VAL A 35 -12.65 -16.51 -28.28
CA VAL A 35 -13.60 -16.97 -27.27
C VAL A 35 -13.17 -16.52 -25.86
N LEU A 36 -12.03 -17.04 -25.35
CA LEU A 36 -11.53 -16.76 -24.00
C LEU A 36 -11.34 -15.26 -23.70
N PHE A 37 -10.52 -14.53 -24.51
CA PHE A 37 -10.27 -13.10 -24.29
C PHE A 37 -11.55 -12.23 -24.45
N PRO A 38 -12.43 -12.37 -25.49
CA PRO A 38 -13.68 -11.58 -25.50
C PRO A 38 -14.57 -11.84 -24.27
N LEU A 39 -14.59 -13.09 -23.75
CA LEU A 39 -15.36 -13.43 -22.54
C LEU A 39 -14.68 -12.86 -21.29
N LEU A 40 -13.34 -12.86 -21.27
CA LEU A 40 -12.50 -12.34 -20.19
C LEU A 40 -12.71 -10.84 -20.02
N TYR A 41 -12.94 -10.12 -21.15
CA TYR A 41 -13.21 -8.69 -21.15
C TYR A 41 -14.68 -8.42 -20.87
N THR A 42 -15.58 -9.38 -21.18
CA THR A 42 -17.02 -9.27 -20.91
C THR A 42 -17.25 -9.24 -19.40
N VAL A 43 -16.53 -10.11 -18.64
CA VAL A 43 -16.57 -10.19 -17.17
C VAL A 43 -16.22 -8.80 -16.63
N LEU A 44 -15.04 -8.26 -17.01
CA LEU A 44 -14.56 -6.94 -16.60
C LEU A 44 -15.53 -5.81 -16.97
N PHE A 45 -16.24 -5.93 -18.12
CA PHE A 45 -17.17 -4.90 -18.57
C PHE A 45 -18.34 -4.76 -17.58
N PHE A 46 -19.06 -5.86 -17.32
CA PHE A 46 -20.21 -5.84 -16.41
C PHE A 46 -19.79 -5.60 -14.96
N VAL A 47 -18.72 -6.28 -14.48
CA VAL A 47 -18.18 -6.12 -13.12
C VAL A 47 -17.79 -4.64 -12.89
N GLY A 48 -17.05 -4.07 -13.84
CA GLY A 48 -16.60 -2.68 -13.82
C GLY A 48 -17.72 -1.68 -13.90
N LEU A 49 -18.71 -1.92 -14.78
CA LEU A 49 -19.86 -1.03 -14.95
C LEU A 49 -20.73 -0.96 -13.70
N ILE A 50 -20.91 -2.10 -12.98
CA ILE A 50 -21.78 -2.12 -11.80
C ILE A 50 -21.04 -1.55 -10.56
N THR A 51 -19.73 -1.82 -10.38
CA THR A 51 -18.99 -1.32 -9.21
C THR A 51 -18.72 0.19 -9.33
N ASN A 52 -18.29 0.67 -10.52
CA ASN A 52 -18.04 2.10 -10.73
C ASN A 52 -19.34 2.87 -10.91
N GLY A 53 -20.39 2.17 -11.32
CA GLY A 53 -21.72 2.73 -11.50
C GLY A 53 -22.29 3.21 -10.19
N LEU A 54 -22.24 2.35 -9.15
CA LEU A 54 -22.72 2.71 -7.82
C LEU A 54 -21.68 3.60 -7.10
N ALA A 55 -20.40 3.57 -7.53
CA ALA A 55 -19.34 4.41 -6.95
C ALA A 55 -19.58 5.87 -7.28
N MET A 56 -20.02 6.17 -8.52
CA MET A 56 -20.34 7.53 -8.99
C MET A 56 -21.57 8.06 -8.25
N ARG A 57 -22.54 7.17 -7.94
CA ARG A 57 -23.78 7.48 -7.21
C ARG A 57 -23.46 7.90 -5.77
N ILE A 58 -22.46 7.23 -5.16
CA ILE A 58 -22.00 7.50 -3.79
C ILE A 58 -21.22 8.83 -3.76
N PHE A 59 -20.23 9.01 -4.69
CA PHE A 59 -19.39 10.21 -4.78
C PHE A 59 -20.18 11.48 -5.14
N PHE A 60 -21.29 11.36 -5.89
CA PHE A 60 -22.15 12.49 -6.28
C PHE A 60 -22.85 13.10 -5.05
N GLN A 61 -23.01 12.30 -3.98
CA GLN A 61 -23.66 12.71 -2.73
C GLN A 61 -22.69 13.33 -1.72
N ILE A 62 -21.42 12.87 -1.67
CA ILE A 62 -20.44 13.38 -0.72
C ILE A 62 -19.57 14.50 -1.34
N ARG A 63 -19.31 15.56 -0.55
CA ARG A 63 -18.52 16.73 -0.93
C ARG A 63 -17.01 16.49 -0.77
N SER A 64 -16.21 17.13 -1.63
CA SER A 64 -14.75 17.04 -1.62
C SER A 64 -14.14 17.95 -0.57
N LYS A 65 -13.81 17.39 0.61
CA LYS A 65 -13.23 18.15 1.72
C LYS A 65 -11.72 17.87 1.87
N SER A 66 -11.13 17.07 0.94
CA SER A 66 -9.71 16.71 0.93
C SER A 66 -9.22 16.39 -0.49
N ASN A 67 -7.89 16.44 -0.72
CA ASN A 67 -7.27 16.13 -2.03
C ASN A 67 -7.61 14.72 -2.48
N PHE A 68 -7.57 13.79 -1.52
CA PHE A 68 -7.85 12.37 -1.65
C PHE A 68 -9.20 12.11 -2.33
N ILE A 69 -10.29 12.75 -1.84
CA ILE A 69 -11.63 12.59 -2.42
C ILE A 69 -11.64 13.08 -3.88
N ILE A 70 -10.93 14.19 -4.17
CA ILE A 70 -10.84 14.81 -5.51
C ILE A 70 -10.15 13.84 -6.49
N PHE A 71 -9.01 13.25 -6.10
CA PHE A 71 -8.28 12.32 -6.95
C PHE A 71 -9.08 11.04 -7.18
N LEU A 72 -9.79 10.54 -6.13
CA LEU A 72 -10.66 9.37 -6.21
C LEU A 72 -11.85 9.66 -7.13
N LYS A 73 -12.39 10.89 -7.09
CA LYS A 73 -13.51 11.31 -7.95
C LYS A 73 -13.12 11.23 -9.44
N ASN A 74 -11.88 11.64 -9.78
CA ASN A 74 -11.33 11.62 -11.14
C ASN A 74 -11.10 10.21 -11.64
N THR A 75 -10.73 9.28 -10.73
CA THR A 75 -10.46 7.87 -10.99
C THR A 75 -11.74 7.18 -11.49
N VAL A 76 -12.91 7.52 -10.90
CA VAL A 76 -14.25 7.01 -11.27
C VAL A 76 -14.52 7.31 -12.75
N ILE A 77 -14.23 8.56 -13.19
CA ILE A 77 -14.43 9.02 -14.57
C ILE A 77 -13.50 8.23 -15.53
N SER A 78 -12.20 8.08 -15.17
CA SER A 78 -11.24 7.35 -16.01
C SER A 78 -11.54 5.86 -16.04
N ASP A 79 -12.21 5.31 -15.00
CA ASP A 79 -12.59 3.91 -14.97
C ASP A 79 -13.78 3.68 -15.89
N LEU A 80 -14.80 4.57 -15.81
CA LEU A 80 -16.00 4.51 -16.64
C LEU A 80 -15.67 4.67 -18.13
N LEU A 81 -14.70 5.54 -18.45
CA LEU A 81 -14.22 5.78 -19.81
C LEU A 81 -13.48 4.55 -20.36
N MET A 82 -12.79 3.80 -19.46
CA MET A 82 -12.05 2.57 -19.75
C MET A 82 -13.02 1.44 -20.13
N ILE A 83 -14.06 1.20 -19.29
CA ILE A 83 -15.10 0.19 -19.43
C ILE A 83 -15.82 0.33 -20.78
N LEU A 84 -16.10 1.59 -21.20
CA LEU A 84 -16.77 1.92 -22.46
C LEU A 84 -15.97 1.51 -23.72
N THR A 85 -14.66 1.23 -23.55
CA THR A 85 -13.74 0.79 -24.63
C THR A 85 -13.87 -0.72 -24.89
N PHE A 86 -14.14 -1.51 -23.82
CA PHE A 86 -14.23 -2.96 -23.84
C PHE A 86 -15.25 -3.49 -24.88
N PRO A 87 -16.49 -2.95 -25.08
CA PRO A 87 -17.38 -3.53 -26.12
C PRO A 87 -16.75 -3.55 -27.52
N PHE A 88 -15.95 -2.52 -27.86
CA PHE A 88 -15.24 -2.39 -29.13
C PHE A 88 -14.15 -3.46 -29.24
N LYS A 89 -13.48 -3.77 -28.11
CA LYS A 89 -12.43 -4.79 -28.02
C LYS A 89 -13.07 -6.19 -28.15
N ILE A 90 -14.11 -6.47 -27.33
CA ILE A 90 -14.88 -7.72 -27.27
C ILE A 90 -15.35 -8.11 -28.67
N LEU A 91 -16.02 -7.17 -29.38
CA LEU A 91 -16.57 -7.36 -30.72
C LEU A 91 -15.51 -7.58 -31.80
N SER A 92 -14.39 -6.81 -31.74
CA SER A 92 -13.28 -6.95 -32.70
C SER A 92 -12.60 -8.31 -32.57
N ASP A 93 -12.21 -8.69 -31.32
CA ASP A 93 -11.53 -9.95 -31.00
C ASP A 93 -12.38 -11.18 -31.32
N ALA A 94 -13.71 -11.14 -31.08
CA ALA A 94 -14.61 -12.26 -31.38
C ALA A 94 -15.02 -12.27 -32.88
N LYS A 95 -14.41 -11.35 -33.69
CA LYS A 95 -14.60 -11.14 -35.12
C LYS A 95 -16.09 -10.91 -35.44
N LEU A 96 -16.64 -9.76 -34.99
CA LEU A 96 -18.04 -9.38 -35.17
C LEU A 96 -18.16 -7.91 -35.58
N LEU A 101 -15.83 3.29 -40.47
CA LEU A 101 -15.29 1.95 -40.71
C LEU A 101 -15.11 1.17 -39.39
N ARG A 102 -15.03 -0.18 -39.50
CA ARG A 102 -14.84 -1.09 -38.36
C ARG A 102 -13.40 -0.99 -37.80
N THR A 103 -12.42 -0.68 -38.67
CA THR A 103 -11.01 -0.53 -38.30
C THR A 103 -10.77 0.84 -37.66
N PHE A 104 -11.53 1.86 -38.09
CA PHE A 104 -11.45 3.24 -37.60
C PHE A 104 -11.95 3.37 -36.15
N VAL A 105 -13.07 2.71 -35.81
CA VAL A 105 -13.63 2.75 -34.45
C VAL A 105 -12.70 2.05 -33.47
N CYS A 106 -12.10 0.91 -33.86
CA CYS A 106 -11.16 0.18 -33.00
C CYS A 106 -9.73 0.76 -33.10
N GLN A 107 -9.60 2.00 -33.63
CA GLN A 107 -8.35 2.74 -33.72
C GLN A 107 -8.45 3.99 -32.84
N VAL A 108 -9.65 4.60 -32.77
CA VAL A 108 -9.97 5.76 -31.94
C VAL A 108 -10.15 5.30 -30.48
N THR A 109 -10.88 4.18 -30.26
CA THR A 109 -11.17 3.60 -28.95
C THR A 109 -9.89 3.08 -28.27
N SER A 110 -8.91 2.56 -29.04
CA SER A 110 -7.64 2.08 -28.49
C SER A 110 -6.82 3.25 -27.98
N VAL A 111 -6.94 4.43 -28.63
CA VAL A 111 -6.27 5.67 -28.22
C VAL A 111 -6.92 6.14 -26.91
N ILE A 112 -8.27 6.09 -26.83
CA ILE A 112 -9.06 6.45 -25.65
C ILE A 112 -8.66 5.53 -24.47
N PHE A 113 -8.42 4.24 -24.75
CA PHE A 113 -7.99 3.25 -23.75
C PHE A 113 -6.64 3.62 -23.14
N TYR A 114 -5.63 3.86 -23.98
CA TYR A 114 -4.29 4.16 -23.49
C TYR A 114 -4.26 5.52 -22.80
N PHE A 115 -5.12 6.47 -23.23
CA PHE A 115 -5.30 7.80 -22.64
C PHE A 115 -5.79 7.65 -21.19
N THR A 116 -6.83 6.83 -21.03
CA THR A 116 -7.52 6.53 -19.79
C THR A 116 -6.63 5.70 -18.81
N MET A 117 -5.70 4.85 -19.32
CA MET A 117 -4.88 4.06 -18.42
C MET A 117 -3.70 4.89 -17.87
N TYR A 118 -3.17 5.85 -18.66
CA TYR A 118 -2.07 6.71 -18.19
C TYR A 118 -2.60 7.87 -17.34
N ILE A 119 -3.94 8.06 -17.30
CA ILE A 119 -4.59 9.03 -16.42
C ILE A 119 -4.72 8.37 -15.04
N SER A 120 -5.19 7.10 -15.01
CA SER A 120 -5.32 6.27 -13.81
C SER A 120 -3.97 6.14 -13.10
N ILE A 121 -2.89 5.82 -13.86
CA ILE A 121 -1.51 5.71 -13.34
C ILE A 121 -1.11 7.07 -12.71
N SER A 122 -1.47 8.19 -13.36
CA SER A 122 -1.15 9.53 -12.89
C SER A 122 -1.86 9.87 -11.57
N PHE A 123 -3.16 9.55 -11.45
CA PHE A 123 -3.94 9.83 -10.24
C PHE A 123 -3.58 8.86 -9.10
N LEU A 124 -3.22 7.60 -9.44
CA LEU A 124 -2.82 6.60 -8.46
C LEU A 124 -1.54 7.04 -7.76
N GLY A 125 -0.64 7.67 -8.52
CA GLY A 125 0.61 8.25 -8.01
C GLY A 125 0.35 9.39 -7.05
N LEU A 126 -0.67 10.23 -7.37
CA LEU A 126 -1.12 11.35 -6.53
C LEU A 126 -1.79 10.84 -5.25
N ILE A 127 -2.60 9.77 -5.37
CA ILE A 127 -3.31 9.13 -4.24
C ILE A 127 -2.26 8.56 -3.27
N THR A 128 -1.18 7.92 -3.81
CA THR A 128 -0.07 7.36 -3.05
C THR A 128 0.59 8.47 -2.20
N ILE A 129 1.01 9.60 -2.83
CA ILE A 129 1.66 10.74 -2.16
C ILE A 129 0.76 11.27 -1.04
N ASP A 130 -0.54 11.47 -1.34
CA ASP A 130 -1.53 11.97 -0.38
C ASP A 130 -1.62 11.05 0.85
N ARG A 131 -1.74 9.73 0.61
CA ARG A 131 -1.82 8.73 1.67
C ARG A 131 -0.54 8.68 2.52
N TYR A 132 0.65 8.79 1.88
CA TYR A 132 1.95 8.80 2.57
C TYR A 132 2.07 10.02 3.48
N GLN A 133 1.57 11.17 2.99
CA GLN A 133 1.59 12.45 3.72
C GLN A 133 0.71 12.37 4.96
N LYS A 134 -0.36 11.55 4.92
CA LYS A 134 -1.27 11.35 6.04
C LYS A 134 -0.67 10.39 7.08
N THR A 135 0.26 9.50 6.67
CA THR A 135 0.94 8.56 7.60
C THR A 135 2.03 9.29 8.37
N THR A 136 2.64 10.33 7.76
CA THR A 136 3.68 11.16 8.37
C THR A 136 3.07 12.19 9.33
N ARG A 137 1.75 12.45 9.19
CA ARG A 137 0.95 13.36 10.00
C ARG A 137 0.34 12.60 11.20
N PRO A 138 0.04 13.25 12.37
CA PRO A 138 -0.56 12.50 13.51
C PRO A 138 -1.86 11.77 13.16
N PHE A 139 -2.12 10.62 13.82
CA PHE A 139 -3.28 9.76 13.58
C PHE A 139 -4.60 10.46 13.93
N LYS A 140 -5.61 10.31 13.04
CA LYS A 140 -6.96 10.87 13.10
C LYS A 140 -6.90 12.41 13.15
N THR A 141 -6.67 13.03 11.96
CA THR A 141 -6.58 14.48 11.74
C THR A 141 -7.21 14.83 10.39
N LYS A 145 -6.34 23.66 2.38
CA LYS A 145 -5.72 24.74 1.62
C LYS A 145 -5.33 24.29 0.19
N ASN A 146 -5.19 22.96 0.00
CA ASN A 146 -4.80 22.35 -1.27
C ASN A 146 -6.02 21.93 -2.15
N LEU A 147 -7.26 22.23 -1.72
CA LEU A 147 -8.49 21.87 -2.44
C LEU A 147 -8.57 22.51 -3.84
N LEU A 148 -8.13 23.78 -3.98
CA LEU A 148 -8.13 24.49 -5.28
C LEU A 148 -6.96 23.99 -6.14
N GLY A 149 -5.81 23.75 -5.51
CA GLY A 149 -4.60 23.24 -6.14
C GLY A 149 -4.74 21.84 -6.70
N ALA A 150 -5.44 20.95 -5.97
CA ALA A 150 -5.72 19.57 -6.37
C ALA A 150 -6.65 19.54 -7.58
N LYS A 151 -7.56 20.53 -7.69
CA LYS A 151 -8.50 20.69 -8.79
C LYS A 151 -7.76 21.08 -10.08
N ILE A 152 -6.81 22.03 -10.00
CA ILE A 152 -6.00 22.53 -11.12
C ILE A 152 -5.07 21.41 -11.62
N LEU A 153 -4.42 20.69 -10.68
CA LEU A 153 -3.49 19.59 -10.94
C LEU A 153 -4.21 18.49 -11.73
N SER A 154 -5.46 18.19 -11.34
CA SER A 154 -6.33 17.22 -12.01
C SER A 154 -6.68 17.68 -13.43
N VAL A 155 -7.02 18.98 -13.61
CA VAL A 155 -7.34 19.60 -14.91
C VAL A 155 -6.13 19.46 -15.85
N VAL A 156 -4.92 19.77 -15.34
CA VAL A 156 -3.64 19.70 -16.05
C VAL A 156 -3.39 18.25 -16.55
N ILE A 157 -3.61 17.22 -15.70
CA ILE A 157 -3.44 15.80 -16.09
C ILE A 157 -4.33 15.49 -17.31
N TRP A 158 -5.65 15.74 -17.21
CA TRP A 158 -6.64 15.45 -18.27
C TRP A 158 -6.35 16.22 -19.58
N ALA A 159 -6.06 17.55 -19.48
CA ALA A 159 -5.78 18.41 -20.63
C ALA A 159 -4.50 17.98 -21.38
N PHE A 160 -3.43 17.66 -20.64
CA PHE A 160 -2.15 17.23 -21.21
C PHE A 160 -2.28 15.90 -21.95
N MET A 161 -3.03 14.94 -21.35
CA MET A 161 -3.24 13.61 -21.94
C MET A 161 -4.07 13.70 -23.20
N PHE A 162 -5.17 14.50 -23.18
CA PHE A 162 -6.07 14.74 -24.31
C PHE A 162 -5.30 15.34 -25.49
N LEU A 163 -4.45 16.35 -25.22
CA LEU A 163 -3.65 17.03 -26.22
C LEU A 163 -2.63 16.08 -26.87
N LEU A 164 -1.93 15.23 -26.07
CA LEU A 164 -0.95 14.30 -26.66
C LEU A 164 -1.65 13.08 -27.34
N SER A 165 -2.94 12.80 -26.98
CA SER A 165 -3.75 11.74 -27.61
C SER A 165 -4.34 12.19 -28.95
N LEU A 166 -4.77 13.47 -29.04
CA LEU A 166 -5.43 14.11 -30.18
C LEU A 166 -4.77 13.80 -31.55
N PRO A 167 -3.44 13.99 -31.80
CA PRO A 167 -2.90 13.65 -33.14
C PRO A 167 -2.95 12.17 -33.48
N ASN A 168 -2.91 11.26 -32.47
CA ASN A 168 -2.99 9.81 -32.68
C ASN A 168 -4.40 9.37 -33.13
N MET A 169 -5.42 10.20 -32.88
CA MET A 169 -6.82 9.96 -33.22
C MET A 169 -7.13 10.00 -34.73
N ILE A 170 -7.17 11.21 -35.32
CA ILE A 170 -7.45 11.39 -36.75
C ILE A 170 -6.16 11.46 -37.56
N LEU A 171 -5.23 12.36 -37.18
CA LEU A 171 -3.96 12.61 -37.88
C LEU A 171 -2.98 11.43 -37.76
N LYS A 188 -1.97 8.89 -43.76
CA LYS A 188 -0.74 8.11 -43.89
C LYS A 188 0.50 9.04 -43.95
N SER A 189 0.81 9.71 -42.83
CA SER A 189 1.94 10.64 -42.70
C SER A 189 3.06 10.04 -41.85
N GLU A 190 4.34 10.33 -42.22
CA GLU A 190 5.55 9.91 -41.50
C GLU A 190 5.59 10.63 -40.14
N PHE A 191 4.91 11.80 -40.06
CA PHE A 191 4.75 12.58 -38.83
C PHE A 191 4.02 11.73 -37.77
N GLY A 192 2.98 11.00 -38.22
CA GLY A 192 2.17 10.10 -37.40
C GLY A 192 2.97 8.98 -36.78
N LEU A 193 3.97 8.46 -37.54
CA LEU A 193 4.89 7.40 -37.11
C LEU A 193 5.78 7.90 -35.98
N VAL A 194 6.46 9.06 -36.19
CA VAL A 194 7.36 9.70 -35.24
C VAL A 194 6.54 10.20 -34.02
N TRP A 195 5.33 10.75 -34.24
CA TRP A 195 4.46 11.21 -33.15
C TRP A 195 4.07 10.03 -32.26
N HIS A 196 3.80 8.86 -32.86
CA HIS A 196 3.43 7.64 -32.14
C HIS A 196 4.55 7.21 -31.21
N GLU A 197 5.82 7.29 -31.67
CA GLU A 197 7.00 6.96 -30.88
C GLU A 197 7.23 7.98 -29.76
N ILE A 198 6.86 9.28 -30.00
CA ILE A 198 6.99 10.36 -29.01
C ILE A 198 6.00 10.10 -27.86
N VAL A 199 4.72 9.89 -28.20
CA VAL A 199 3.60 9.62 -27.28
C VAL A 199 3.92 8.39 -26.41
N ASN A 200 4.35 7.28 -27.03
CA ASN A 200 4.71 6.04 -26.34
C ASN A 200 5.88 6.28 -25.38
N TYR A 201 6.85 7.15 -25.76
CA TYR A 201 7.99 7.51 -24.92
C TYR A 201 7.50 8.30 -23.70
N ILE A 202 6.63 9.33 -23.92
CA ILE A 202 6.05 10.18 -22.87
C ILE A 202 5.32 9.30 -21.85
N CYS A 203 4.44 8.38 -22.33
CA CYS A 203 3.62 7.47 -21.53
C CYS A 203 4.47 6.50 -20.70
N GLN A 204 5.59 6.00 -21.24
CA GLN A 204 6.49 5.11 -20.47
C GLN A 204 7.13 5.90 -19.33
N VAL A 205 7.55 7.15 -19.61
CA VAL A 205 8.13 8.07 -18.62
C VAL A 205 7.08 8.36 -17.52
N ILE A 206 5.77 8.42 -17.88
CA ILE A 206 4.68 8.63 -16.92
C ILE A 206 4.59 7.38 -16.01
N PHE A 207 4.60 6.16 -16.57
CA PHE A 207 4.55 4.96 -15.74
C PHE A 207 5.76 4.86 -14.82
N TRP A 208 6.98 4.99 -15.39
CA TRP A 208 8.22 4.82 -14.65
C TRP A 208 8.44 5.88 -13.59
N ILE A 209 7.88 7.09 -13.75
CA ILE A 209 7.99 8.13 -12.72
C ILE A 209 7.05 7.78 -11.55
N ASN A 210 5.81 7.33 -11.88
CA ASN A 210 4.80 6.94 -10.90
C ASN A 210 5.15 5.62 -10.24
N PHE A 211 5.87 4.73 -10.93
CA PHE A 211 6.31 3.46 -10.35
C PHE A 211 7.31 3.76 -9.23
N LEU A 212 8.22 4.72 -9.48
CA LEU A 212 9.23 5.17 -8.53
C LEU A 212 8.60 5.88 -7.32
N ILE A 213 7.55 6.69 -7.55
CA ILE A 213 6.83 7.39 -6.48
C ILE A 213 6.21 6.33 -5.52
N VAL A 214 5.63 5.26 -6.10
CA VAL A 214 4.99 4.15 -5.39
C VAL A 214 6.05 3.34 -4.61
N ILE A 215 7.22 3.03 -5.22
CA ILE A 215 8.30 2.27 -4.57
C ILE A 215 8.85 3.06 -3.38
N VAL A 216 9.17 4.36 -3.59
CA VAL A 216 9.74 5.26 -2.56
C VAL A 216 8.74 5.46 -1.40
N CYS A 217 7.47 5.78 -1.69
CA CYS A 217 6.45 6.02 -0.66
C CYS A 217 6.20 4.75 0.17
N TYR A 218 6.18 3.56 -0.45
CA TYR A 218 5.92 2.34 0.31
C TYR A 218 7.19 1.77 0.95
N THR A 219 8.39 2.30 0.60
CA THR A 219 9.63 1.93 1.27
C THR A 219 9.67 2.72 2.59
N LEU A 220 9.34 4.01 2.53
CA LEU A 220 9.31 4.91 3.67
C LEU A 220 8.22 4.51 4.68
N ILE A 221 7.08 3.97 4.19
CA ILE A 221 5.94 3.52 5.01
C ILE A 221 6.33 2.21 5.75
N THR A 222 6.90 1.21 5.02
CA THR A 222 7.35 -0.07 5.56
C THR A 222 8.38 0.17 6.67
N LYS A 223 9.35 1.08 6.42
CA LYS A 223 10.40 1.50 7.35
C LYS A 223 9.80 2.03 8.66
N GLU A 224 8.78 2.91 8.58
CA GLU A 224 8.11 3.50 9.74
C GLU A 224 7.32 2.44 10.52
N LEU A 225 6.65 1.52 9.80
CA LEU A 225 5.87 0.42 10.37
C LEU A 225 6.76 -0.62 11.04
N TYR A 226 7.95 -0.88 10.46
CA TYR A 226 8.92 -1.82 11.01
C TYR A 226 9.44 -1.30 12.36
N ARG A 227 9.92 -0.03 12.39
CA ARG A 227 10.47 0.63 13.57
C ARG A 227 9.42 0.81 14.68
N SER A 228 8.14 0.96 14.30
CA SER A 228 7.05 1.08 15.27
C SER A 228 6.76 -0.29 15.91
N TYR A 229 6.75 -1.38 15.10
CA TYR A 229 6.52 -2.74 15.56
C TYR A 229 7.68 -3.24 16.45
N VAL A 230 8.93 -2.93 16.06
CA VAL A 230 10.13 -3.34 16.79
C VAL A 230 10.13 -2.70 18.19
N ARG A 231 9.79 -1.40 18.29
CA ARG A 231 9.74 -0.63 19.54
C ARG A 231 8.71 -1.23 20.53
N THR A 232 7.52 -1.63 20.04
CA THR A 232 6.44 -2.21 20.84
C THR A 232 6.81 -3.63 21.33
N ALA A 233 7.33 -4.48 20.41
CA ALA A 233 7.73 -5.86 20.66
C ALA A 233 8.88 -5.94 21.67
N ASP A 234 9.91 -5.07 21.51
CA ASP A 234 11.07 -5.02 22.42
C ASP A 234 10.62 -4.64 23.83
N LEU A 235 9.72 -3.64 23.94
CA LEU A 235 9.19 -3.16 25.21
C LEU A 235 8.32 -4.22 25.87
N GLU A 236 7.49 -4.95 25.09
CA GLU A 236 6.67 -6.03 25.63
C GLU A 236 7.58 -7.18 26.11
N ASP A 237 8.70 -7.40 25.39
CA ASP A 237 9.71 -8.40 25.74
C ASP A 237 10.38 -8.02 27.06
N ASN A 238 10.68 -6.70 27.27
CA ASN A 238 11.28 -6.16 28.49
C ASN A 238 10.43 -6.44 29.74
N TRP A 239 9.11 -6.20 29.66
CA TRP A 239 8.23 -6.43 30.80
C TRP A 239 7.99 -7.93 31.05
N GLU A 240 7.96 -8.78 30.00
CA GLU A 240 7.77 -10.21 30.21
C GLU A 240 9.07 -10.87 30.73
N THR A 241 10.26 -10.32 30.39
CA THR A 241 11.57 -10.80 30.88
C THR A 241 11.63 -10.56 32.40
N LEU A 242 11.20 -9.35 32.83
CA LEU A 242 11.14 -8.92 34.23
C LEU A 242 10.24 -9.88 35.04
N ASN A 243 9.03 -10.21 34.53
CA ASN A 243 8.07 -11.09 35.20
C ASN A 243 8.48 -12.56 35.19
N ASP A 244 9.08 -13.05 34.08
CA ASP A 244 9.53 -14.44 33.97
C ASP A 244 10.69 -14.75 34.91
N ASN A 245 11.64 -13.80 35.06
CA ASN A 245 12.80 -13.99 35.93
C ASN A 245 12.40 -13.87 37.40
N LEU A 246 11.23 -13.27 37.71
CA LEU A 246 10.74 -13.24 39.09
C LEU A 246 10.35 -14.66 39.50
N LYS A 247 9.74 -15.42 38.56
CA LYS A 247 9.31 -16.82 38.74
C LYS A 247 10.52 -17.74 38.97
N VAL A 248 11.65 -17.47 38.27
CA VAL A 248 12.92 -18.20 38.39
C VAL A 248 13.44 -18.03 39.83
N ILE A 249 13.44 -16.77 40.34
CA ILE A 249 13.86 -16.39 41.70
C ILE A 249 13.00 -17.13 42.73
N GLU A 250 11.66 -17.16 42.53
CA GLU A 250 10.71 -17.84 43.43
C GLU A 250 10.99 -19.34 43.55
N LYS A 251 11.43 -19.98 42.44
CA LYS A 251 11.70 -21.41 42.36
C LYS A 251 13.20 -21.78 42.46
N ALA A 252 14.08 -20.78 42.62
CA ALA A 252 15.54 -20.97 42.73
C ALA A 252 15.96 -21.60 44.07
N ASP A 253 17.20 -22.14 44.12
CA ASP A 253 17.83 -22.76 45.29
C ASP A 253 19.05 -21.92 45.76
N ASN A 254 20.15 -21.94 44.97
CA ASN A 254 21.42 -21.26 45.24
C ASN A 254 21.37 -19.75 44.85
N ALA A 255 22.49 -19.03 45.11
CA ALA A 255 22.66 -17.61 44.82
C ALA A 255 22.89 -17.33 43.35
N ALA A 256 23.65 -18.20 42.63
CA ALA A 256 23.96 -18.03 41.22
C ALA A 256 22.70 -17.89 40.37
N GLN A 257 21.65 -18.70 40.66
CA GLN A 257 20.34 -18.67 40.01
C GLN A 257 19.65 -17.33 40.26
N VAL A 258 19.70 -16.88 41.54
CA VAL A 258 19.10 -15.62 42.03
C VAL A 258 19.84 -14.42 41.43
N LYS A 259 21.19 -14.37 41.51
CA LYS A 259 22.04 -13.28 40.96
C LYS A 259 21.81 -13.09 39.45
N ASP A 260 21.81 -14.21 38.67
CA ASP A 260 21.62 -14.16 37.22
C ASP A 260 20.23 -13.64 36.83
N ALA A 261 19.16 -14.12 37.49
CA ALA A 261 17.79 -13.71 37.19
C ALA A 261 17.59 -12.20 37.46
N LEU A 262 18.20 -11.68 38.55
CA LEU A 262 18.14 -10.27 38.92
C LEU A 262 18.92 -9.39 37.95
N THR A 263 19.99 -9.91 37.33
CA THR A 263 20.81 -9.19 36.36
C THR A 263 19.96 -8.96 35.09
N LYS A 264 19.21 -9.99 34.64
CA LYS A 264 18.29 -9.94 33.49
C LYS A 264 17.16 -8.94 33.78
N MET A 265 16.60 -8.97 35.01
CA MET A 265 15.52 -8.11 35.49
C MET A 265 15.92 -6.64 35.47
N ARG A 266 17.11 -6.31 36.04
CA ARG A 266 17.66 -4.94 36.12
C ARG A 266 17.86 -4.34 34.72
N ALA A 267 18.43 -5.12 33.80
CA ALA A 267 18.65 -4.71 32.41
C ALA A 267 17.31 -4.50 31.68
N ALA A 268 16.31 -5.37 31.93
CA ALA A 268 15.00 -5.27 31.32
C ALA A 268 14.25 -4.06 31.83
N ALA A 269 14.35 -3.79 33.16
CA ALA A 269 13.71 -2.63 33.80
C ALA A 269 14.29 -1.32 33.27
N LEU A 270 15.63 -1.27 33.10
CA LEU A 270 16.31 -0.08 32.59
C LEU A 270 16.04 0.13 31.10
N ASP A 271 15.86 -0.98 30.33
CA ASP A 271 15.52 -0.94 28.91
C ASP A 271 14.09 -0.41 28.73
N ALA A 272 13.13 -0.86 29.59
CA ALA A 272 11.76 -0.40 29.60
C ALA A 272 11.71 1.09 29.93
N GLN A 273 12.55 1.55 30.90
CA GLN A 273 12.66 2.95 31.29
C GLN A 273 13.15 3.78 30.12
N LYS A 274 14.25 3.34 29.47
CA LYS A 274 14.84 3.98 28.30
C LYS A 274 13.75 4.21 27.23
N ALA A 275 12.92 3.17 26.97
CA ALA A 275 11.81 3.16 25.99
C ALA A 275 10.55 3.88 26.51
N THR A 276 10.51 4.24 27.81
CA THR A 276 9.34 4.92 28.40
C THR A 276 9.77 6.32 28.94
N PRO A 277 9.90 7.35 28.05
CA PRO A 277 10.25 8.71 28.52
C PRO A 277 9.12 9.35 29.35
N PRO A 278 9.37 10.38 30.19
CA PRO A 278 8.27 10.97 31.00
C PRO A 278 7.12 11.50 30.14
N LYS A 279 5.86 11.27 30.60
CA LYS A 279 4.63 11.67 29.93
C LYS A 279 4.46 13.20 29.94
N LEU A 280 3.72 13.74 28.96
CA LEU A 280 3.44 15.17 28.83
C LEU A 280 2.03 15.47 29.34
N GLU A 281 1.94 16.04 30.56
CA GLU A 281 0.70 16.44 31.24
C GLU A 281 0.98 17.53 32.25
N ASP A 292 4.95 10.75 37.97
CA ASP A 292 5.52 9.68 38.79
C ASP A 292 6.13 8.56 37.92
N PHE A 293 6.15 8.75 36.57
CA PHE A 293 6.73 7.80 35.60
C PHE A 293 8.26 7.72 35.78
N ARG A 294 8.88 8.85 36.18
CA ARG A 294 10.31 8.96 36.46
C ARG A 294 10.66 8.24 37.77
N HIS A 295 9.88 8.53 38.85
CA HIS A 295 10.01 7.97 40.20
C HIS A 295 9.70 6.47 40.24
N GLY A 296 8.66 6.04 39.52
CA GLY A 296 8.19 4.67 39.46
C GLY A 296 9.25 3.65 39.09
N PHE A 297 10.05 3.97 38.05
CA PHE A 297 11.11 3.09 37.59
C PHE A 297 12.24 3.02 38.64
N ASP A 298 12.56 4.15 39.31
CA ASP A 298 13.58 4.22 40.37
C ASP A 298 13.25 3.30 41.55
N ILE A 299 11.94 3.16 41.86
CA ILE A 299 11.41 2.31 42.92
C ILE A 299 11.62 0.85 42.52
N LEU A 300 11.20 0.48 41.30
CA LEU A 300 11.32 -0.88 40.80
C LEU A 300 12.79 -1.26 40.59
N VAL A 301 13.60 -0.34 40.00
CA VAL A 301 15.04 -0.60 39.80
C VAL A 301 15.73 -0.69 41.17
N GLY A 302 15.31 0.17 42.11
CA GLY A 302 15.81 0.20 43.48
C GLY A 302 15.68 -1.14 44.16
N GLN A 303 14.48 -1.76 44.10
CA GLN A 303 14.21 -3.08 44.68
C GLN A 303 15.07 -4.18 44.07
N ILE A 304 15.24 -4.17 42.72
CA ILE A 304 16.05 -5.14 41.97
C ILE A 304 17.50 -4.99 42.43
N ASP A 305 18.00 -3.73 42.54
CA ASP A 305 19.35 -3.43 43.04
C ASP A 305 19.51 -3.86 44.51
N ASP A 306 18.43 -3.74 45.30
CA ASP A 306 18.40 -4.13 46.71
C ASP A 306 18.47 -5.64 46.83
N ALA A 307 17.69 -6.38 46.01
CA ALA A 307 17.71 -7.84 46.00
C ALA A 307 19.05 -8.35 45.50
N LEU A 308 19.66 -7.66 44.49
CA LEU A 308 20.96 -8.00 43.89
C LEU A 308 22.10 -7.84 44.86
N LYS A 309 22.14 -6.73 45.64
CA LYS A 309 23.20 -6.46 46.63
C LYS A 309 23.12 -7.45 47.81
N LEU A 310 21.92 -8.02 48.05
CA LEU A 310 21.64 -9.02 49.09
C LEU A 310 22.09 -10.40 48.61
N ALA A 311 21.90 -10.67 47.30
CA ALA A 311 22.30 -11.91 46.63
C ALA A 311 23.82 -11.97 46.46
N ASN A 312 24.48 -10.80 46.36
CA ASN A 312 25.94 -10.67 46.24
C ASN A 312 26.63 -10.85 47.62
N GLU A 313 25.95 -10.39 48.70
CA GLU A 313 26.42 -10.51 50.08
C GLU A 313 26.30 -11.95 50.56
N GLY A 314 25.36 -12.70 49.99
CA GLY A 314 25.15 -14.10 50.29
C GLY A 314 23.71 -14.52 50.50
N LYS A 315 23.01 -13.82 51.43
CA LYS A 315 21.62 -14.08 51.84
C LYS A 315 20.67 -14.25 50.65
N VAL A 316 20.25 -15.51 50.39
CA VAL A 316 19.37 -15.89 49.28
C VAL A 316 17.90 -15.72 49.63
N LYS A 317 17.47 -16.17 50.82
CA LYS A 317 16.09 -16.06 51.29
C LYS A 317 15.67 -14.59 51.40
N GLU A 318 16.60 -13.73 51.84
CA GLU A 318 16.39 -12.28 51.99
C GLU A 318 16.31 -11.62 50.63
N ALA A 319 17.09 -12.11 49.65
CA ALA A 319 17.12 -11.63 48.27
C ALA A 319 15.85 -12.04 47.53
N GLN A 320 15.35 -13.26 47.80
CA GLN A 320 14.13 -13.82 47.21
C GLN A 320 12.92 -13.04 47.67
N ALA A 321 12.93 -12.63 48.96
CA ALA A 321 11.90 -11.84 49.62
C ALA A 321 11.96 -10.39 49.18
N ALA A 322 13.19 -9.84 48.99
CA ALA A 322 13.39 -8.46 48.50
C ALA A 322 12.87 -8.33 47.06
N ALA A 323 13.03 -9.39 46.24
CA ALA A 323 12.53 -9.47 44.88
C ALA A 323 11.01 -9.63 44.89
N GLU A 324 10.48 -10.40 45.87
CA GLU A 324 9.04 -10.64 46.06
C GLU A 324 8.29 -9.35 46.39
N GLN A 325 9.01 -8.30 46.87
CA GLN A 325 8.45 -6.98 47.18
C GLN A 325 7.88 -6.28 45.94
N LEU A 326 8.33 -6.68 44.72
CA LEU A 326 7.83 -6.17 43.44
C LEU A 326 6.39 -6.64 43.21
N LYS A 327 5.93 -7.64 44.01
CA LYS A 327 4.58 -8.22 43.99
C LYS A 327 3.63 -7.55 45.05
N THR A 328 4.07 -6.48 45.76
CA THR A 328 3.19 -5.75 46.69
C THR A 328 2.19 -4.95 45.85
N THR A 329 0.97 -4.72 46.37
CA THR A 329 -0.09 -4.00 45.64
C THR A 329 0.40 -2.65 45.08
N ARG A 330 1.24 -1.90 45.84
CA ARG A 330 1.81 -0.62 45.41
C ARG A 330 2.76 -0.82 44.23
N ASN A 331 3.75 -1.74 44.37
CA ASN A 331 4.76 -2.05 43.35
C ASN A 331 4.16 -2.69 42.09
N ALA A 332 3.04 -3.43 42.24
CA ALA A 332 2.32 -4.03 41.11
C ALA A 332 1.57 -2.93 40.35
N TYR A 333 0.98 -1.96 41.09
CA TYR A 333 0.25 -0.80 40.55
C TYR A 333 1.21 0.09 39.75
N ILE A 334 2.45 0.28 40.25
CA ILE A 334 3.51 1.05 39.59
C ILE A 334 3.83 0.37 38.24
N GLN A 335 4.08 -0.96 38.26
CA GLN A 335 4.38 -1.75 37.06
C GLN A 335 3.23 -1.68 36.03
N LYS A 336 1.97 -1.81 36.49
CA LYS A 336 0.77 -1.75 35.65
C LYS A 336 0.60 -0.35 35.02
N TYR A 337 1.00 0.72 35.77
CA TYR A 337 0.95 2.11 35.31
C TYR A 337 2.03 2.35 34.26
N LEU A 338 3.29 1.97 34.57
CA LEU A 338 4.45 2.14 33.70
C LEU A 338 4.28 1.37 32.40
N ARG A 339 3.56 0.23 32.42
CA ARG A 339 3.26 -0.55 31.21
C ARG A 339 2.31 0.24 30.30
N GLY A 340 1.38 0.96 30.91
CA GLY A 340 0.38 1.79 30.22
C GLY A 340 0.95 3.01 29.53
N VAL A 341 1.87 3.73 30.21
CA VAL A 341 2.54 4.95 29.72
C VAL A 341 3.31 4.66 28.41
N GLY A 342 4.00 3.52 28.36
CA GLY A 342 4.77 3.11 27.20
C GLY A 342 4.00 2.41 26.10
N LYS A 343 2.70 2.14 26.32
CA LYS A 343 1.82 1.44 25.36
C LYS A 343 1.32 2.38 24.23
N VAL A 344 1.64 3.69 24.31
CA VAL A 344 1.25 4.72 23.32
C VAL A 344 1.93 4.47 21.96
N ARG A 346 -0.49 5.23 18.19
CA ARG A 346 -1.32 4.82 17.06
C ARG A 346 -0.56 4.94 15.74
N LYS A 347 -0.65 3.90 14.89
CA LYS A 347 0.01 3.83 13.58
C LYS A 347 -0.97 3.49 12.46
N LYS A 348 -0.55 3.70 11.19
CA LYS A 348 -1.35 3.42 9.99
C LYS A 348 -1.61 1.92 9.84
N VAL A 349 -2.81 1.55 9.34
CA VAL A 349 -3.22 0.15 9.15
C VAL A 349 -2.46 -0.45 7.94
N ASN A 350 -1.79 -1.60 8.17
CA ASN A 350 -0.99 -2.33 7.18
C ASN A 350 -1.86 -2.81 6.03
N VAL A 351 -2.80 -3.75 6.31
CA VAL A 351 -3.72 -4.38 5.36
C VAL A 351 -4.54 -3.37 4.52
N LYS A 352 -4.69 -2.12 5.01
CA LYS A 352 -5.48 -1.10 4.34
C LYS A 352 -4.64 -0.25 3.38
N VAL A 353 -3.61 0.47 3.87
CA VAL A 353 -2.77 1.38 3.07
C VAL A 353 -2.15 0.67 1.84
N PHE A 354 -1.58 -0.53 2.03
CA PHE A 354 -0.92 -1.34 1.01
C PHE A 354 -1.84 -1.83 -0.13
N ILE A 355 -3.15 -1.45 -0.13
CA ILE A 355 -4.08 -1.84 -1.18
C ILE A 355 -3.70 -1.12 -2.50
N ILE A 356 -3.17 0.12 -2.41
CA ILE A 356 -2.78 0.92 -3.57
C ILE A 356 -1.62 0.24 -4.31
N ILE A 357 -0.49 -0.05 -3.60
CA ILE A 357 0.70 -0.70 -4.17
C ILE A 357 0.30 -2.07 -4.79
N ALA A 358 -0.63 -2.81 -4.13
CA ALA A 358 -1.12 -4.11 -4.62
C ALA A 358 -1.84 -3.94 -5.97
N VAL A 359 -2.79 -2.96 -6.06
CA VAL A 359 -3.54 -2.64 -7.29
C VAL A 359 -2.56 -2.20 -8.39
N PHE A 360 -1.62 -1.28 -8.07
CA PHE A 360 -0.63 -0.78 -9.03
C PHE A 360 0.18 -1.92 -9.61
N PHE A 361 0.69 -2.82 -8.75
CA PHE A 361 1.53 -3.94 -9.17
C PHE A 361 0.79 -4.99 -9.97
N ILE A 362 -0.44 -5.37 -9.55
CA ILE A 362 -1.24 -6.38 -10.26
C ILE A 362 -1.58 -5.90 -11.69
N CYS A 363 -1.96 -4.62 -11.83
CA CYS A 363 -2.47 -4.04 -13.08
C CYS A 363 -1.42 -3.50 -14.05
N PHE A 364 -0.56 -2.56 -13.63
CA PHE A 364 0.31 -1.84 -14.55
C PHE A 364 1.74 -2.33 -14.66
N VAL A 365 2.29 -2.89 -13.58
CA VAL A 365 3.68 -3.38 -13.52
C VAL A 365 3.93 -4.49 -14.57
N PRO A 366 3.09 -5.56 -14.75
CA PRO A 366 3.44 -6.61 -15.73
C PRO A 366 3.59 -6.11 -17.17
N PHE A 367 2.67 -5.24 -17.63
CA PHE A 367 2.66 -4.69 -18.99
C PHE A 367 3.94 -3.92 -19.34
N HIS A 368 4.33 -2.97 -18.48
CA HIS A 368 5.49 -2.12 -18.71
C HIS A 368 6.83 -2.84 -18.46
N PHE A 369 6.83 -3.92 -17.65
CA PHE A 369 8.05 -4.70 -17.44
C PHE A 369 8.27 -5.63 -18.65
N ALA A 370 7.20 -6.26 -19.15
CA ALA A 370 7.23 -7.15 -20.31
C ALA A 370 7.64 -6.42 -21.59
N ARG A 371 7.34 -5.12 -21.67
CA ARG A 371 7.65 -4.27 -22.82
C ARG A 371 9.16 -4.07 -23.00
N ILE A 372 9.93 -4.00 -21.88
CA ILE A 372 11.40 -3.79 -21.88
C ILE A 372 12.12 -4.80 -22.81
N PRO A 373 12.03 -6.15 -22.64
CA PRO A 373 12.75 -7.06 -23.57
C PRO A 373 12.34 -6.91 -25.04
N TYR A 374 11.05 -6.62 -25.30
CA TYR A 374 10.51 -6.46 -26.65
C TYR A 374 10.78 -5.08 -27.27
N THR A 375 11.45 -4.16 -26.55
CA THR A 375 11.69 -2.83 -27.11
C THR A 375 13.21 -2.53 -27.30
N LEU A 376 14.13 -3.49 -26.98
CA LEU A 376 15.57 -3.32 -27.20
C LEU A 376 16.31 -4.66 -27.44
N SER A 377 15.86 -5.48 -28.42
CA SER A 377 16.51 -6.77 -28.69
C SER A 377 16.58 -7.15 -30.18
N GLN A 378 15.43 -7.53 -30.80
CA GLN A 378 15.34 -8.00 -32.20
C GLN A 378 15.73 -6.93 -33.22
N THR A 379 16.50 -7.34 -34.24
CA THR A 379 16.95 -6.48 -35.35
C THR A 379 15.75 -6.27 -36.29
N ARG A 380 15.00 -5.18 -36.03
CA ARG A 380 13.76 -4.75 -36.70
C ARG A 380 12.59 -5.65 -36.25
N ASP A 381 12.56 -6.94 -36.66
CA ASP A 381 11.50 -7.90 -36.32
C ASP A 381 11.99 -9.38 -36.32
N VAL A 382 11.29 -10.24 -35.54
CA VAL A 382 11.55 -11.68 -35.43
C VAL A 382 10.75 -12.43 -36.51
N PHE A 383 11.25 -13.60 -36.97
CA PHE A 383 10.60 -14.38 -38.03
C PHE A 383 9.96 -15.71 -37.55
N ASP A 384 10.44 -16.30 -36.43
CA ASP A 384 9.91 -17.57 -35.93
C ASP A 384 8.53 -17.36 -35.29
N CYS A 385 7.57 -18.20 -35.69
CA CYS A 385 6.16 -18.19 -35.28
C CYS A 385 5.97 -18.43 -33.79
N THR A 386 6.87 -19.21 -33.16
CA THR A 386 6.81 -19.53 -31.72
C THR A 386 7.16 -18.29 -30.86
N ALA A 387 7.94 -17.33 -31.42
CA ALA A 387 8.33 -16.08 -30.75
C ALA A 387 7.27 -14.98 -30.97
N GLU A 388 6.64 -14.96 -32.17
CA GLU A 388 5.60 -14.00 -32.55
C GLU A 388 4.34 -14.25 -31.72
N ASN A 389 4.03 -15.54 -31.46
CA ASN A 389 2.87 -15.96 -30.69
C ASN A 389 3.10 -15.80 -29.20
N THR A 390 4.36 -15.90 -28.72
CA THR A 390 4.64 -15.68 -27.29
C THR A 390 4.52 -14.16 -27.02
N LEU A 391 4.87 -13.31 -28.03
CA LEU A 391 4.75 -11.85 -27.94
C LEU A 391 3.26 -11.48 -27.88
N PHE A 392 2.42 -12.11 -28.73
CA PHE A 392 0.97 -11.87 -28.79
C PHE A 392 0.29 -12.13 -27.43
N TYR A 393 0.52 -13.30 -26.82
CA TYR A 393 -0.11 -13.67 -25.57
C TYR A 393 0.43 -12.89 -24.39
N VAL A 394 1.74 -12.54 -24.39
CA VAL A 394 2.31 -11.72 -23.31
C VAL A 394 1.63 -10.33 -23.34
N LYS A 395 1.59 -9.68 -24.53
CA LYS A 395 0.98 -8.36 -24.69
C LYS A 395 -0.53 -8.38 -24.36
N GLU A 396 -1.27 -9.38 -24.89
CA GLU A 396 -2.72 -9.49 -24.69
C GLU A 396 -3.11 -9.76 -23.25
N SER A 397 -2.34 -10.63 -22.56
CA SER A 397 -2.56 -10.99 -21.16
C SER A 397 -2.28 -9.83 -20.21
N THR A 398 -1.19 -9.09 -20.43
CA THR A 398 -0.80 -7.96 -19.60
C THR A 398 -1.74 -6.75 -19.85
N LEU A 399 -2.26 -6.58 -21.10
CA LEU A 399 -3.23 -5.52 -21.44
C LEU A 399 -4.55 -5.74 -20.71
N TRP A 400 -4.92 -7.01 -20.53
CA TRP A 400 -6.12 -7.40 -19.80
C TRP A 400 -5.95 -7.07 -18.30
N LEU A 401 -4.74 -7.30 -17.74
CA LEU A 401 -4.41 -6.99 -16.34
C LEU A 401 -4.51 -5.49 -16.08
N THR A 402 -4.10 -4.71 -17.09
CA THR A 402 -4.12 -3.25 -17.15
C THR A 402 -5.60 -2.76 -17.10
N SER A 403 -6.48 -3.47 -17.83
CA SER A 403 -7.92 -3.19 -17.93
C SER A 403 -8.65 -3.50 -16.61
N LEU A 404 -8.11 -4.48 -15.83
CA LEU A 404 -8.63 -4.95 -14.55
C LEU A 404 -8.53 -3.82 -13.47
N ASN A 405 -7.78 -2.73 -13.78
CA ASN A 405 -7.65 -1.57 -12.91
C ASN A 405 -9.01 -0.89 -12.71
N ALA A 406 -9.86 -0.90 -13.76
CA ALA A 406 -11.23 -0.35 -13.72
C ALA A 406 -12.11 -1.11 -12.72
N CYS A 407 -11.85 -2.42 -12.49
CA CYS A 407 -12.58 -3.28 -11.56
C CYS A 407 -11.93 -3.33 -10.16
N LEU A 408 -10.65 -2.95 -10.05
CA LEU A 408 -9.90 -2.99 -8.79
C LEU A 408 -9.85 -1.65 -8.06
N ASN A 409 -10.07 -0.51 -8.78
CA ASN A 409 -10.08 0.81 -8.12
C ASN A 409 -11.27 0.97 -7.15
N PRO A 410 -12.50 0.41 -7.40
CA PRO A 410 -13.57 0.54 -6.40
C PRO A 410 -13.21 -0.06 -5.03
N PHE A 411 -12.21 -0.99 -4.98
CA PHE A 411 -11.71 -1.57 -3.74
C PHE A 411 -10.92 -0.53 -2.95
N ILE A 412 -10.21 0.39 -3.65
CA ILE A 412 -9.45 1.46 -3.01
C ILE A 412 -10.46 2.38 -2.30
N TYR A 413 -11.57 2.77 -2.98
CA TYR A 413 -12.60 3.63 -2.38
C TYR A 413 -13.22 2.97 -1.14
N PHE A 414 -13.47 1.65 -1.20
CA PHE A 414 -14.10 0.88 -0.13
C PHE A 414 -13.23 0.78 1.13
N PHE A 415 -11.95 0.39 0.99
CA PHE A 415 -11.04 0.18 2.12
C PHE A 415 -10.30 1.43 2.62
N LEU A 416 -10.34 2.55 1.87
CA LEU A 416 -9.59 3.75 2.28
C LEU A 416 -10.47 4.98 2.53
N CYS A 417 -11.74 4.96 2.10
CA CYS A 417 -12.67 6.06 2.35
C CYS A 417 -13.79 5.54 3.27
N LYS A 418 -13.87 6.12 4.49
CA LYS A 418 -14.84 5.76 5.52
C LYS A 418 -16.27 6.09 5.08
N SER A 419 -16.52 7.32 4.56
CA SER A 419 -17.84 7.77 4.11
C SER A 419 -18.35 6.94 2.91
N PHE A 420 -17.43 6.43 2.06
CA PHE A 420 -17.76 5.56 0.93
C PHE A 420 -18.22 4.19 1.44
N ARG A 421 -17.45 3.59 2.37
CA ARG A 421 -17.70 2.27 2.98
C ARG A 421 -19.05 2.23 3.70
N ASN A 422 -19.40 3.30 4.45
CA ASN A 422 -20.65 3.40 5.21
C ASN A 422 -21.86 3.55 4.27
N SER A 423 -21.72 4.32 3.16
CA SER A 423 -22.78 4.54 2.18
C SER A 423 -23.13 3.24 1.42
N LEU A 424 -22.08 2.48 1.03
CA LEU A 424 -22.22 1.20 0.32
C LEU A 424 -22.84 0.13 1.24
N ILE A 425 -22.47 0.13 2.54
CA ILE A 425 -22.98 -0.81 3.54
C ILE A 425 -24.47 -0.52 3.83
N SER A 426 -24.87 0.78 3.82
CA SER A 426 -26.25 1.24 4.06
C SER A 426 -27.19 0.90 2.90
N MET A 427 -26.65 0.75 1.66
CA MET A 427 -27.43 0.42 0.46
C MET A 427 -27.84 -1.05 0.45
CAA AZJ B . -1.93 9.11 -24.09
CAB AZJ B . -2.30 4.57 -29.04
NAC AZJ B . 2.44 3.84 -24.27
OAD AZJ B . 4.81 -1.08 -27.60
OAE AZJ B . -2.93 6.94 -27.62
OAF AZJ B . 3.93 -5.04 -29.34
OAG AZJ B . 5.48 -3.13 -29.78
CAH AZJ B . 1.62 3.99 -25.07
CAI AZJ B . 3.80 -5.94 -23.85
CAJ AZJ B . 4.65 -6.71 -24.65
CAK AZJ B . 3.55 -4.61 -24.19
CAL AZJ B . 5.26 -6.15 -25.78
CAM AZJ B . 4.14 -4.05 -25.33
CAN AZJ B . -0.18 5.30 -26.06
CAO AZJ B . -2.43 7.93 -24.93
CAP AZJ B . 2.23 0.28 -28.75
CAQ AZJ B . 2.50 0.08 -26.17
CAR AZJ B . 1.04 1.21 -28.48
CAS AZJ B . 1.28 1.02 -26.02
CAT AZJ B . 5.63 -4.26 -27.26
NAU AZJ B . -0.58 3.41 -28.00
NAV AZJ B . 3.39 -2.73 -28.32
OAW AZJ B . -1.51 7.64 -25.98
CAX AZJ B . 3.68 -1.52 -27.80
CAY AZJ B . -1.94 6.72 -26.90
CAZ AZJ B . -1.35 4.52 -28.01
CBA AZJ B . 4.97 -4.82 -26.15
CBB AZJ B . 0.59 4.15 -26.08
CBC AZJ B . -1.18 5.53 -27.01
CBD AZJ B . 0.36 3.17 -27.06
CBE AZJ B . 2.43 -0.67 -27.54
NBF AZJ B . 1.21 1.96 -27.18
SBG AZJ B . 4.58 -3.80 -28.72
C1 CLR C . -1.27 -18.94 -21.25
C2 CLR C . -0.96 -19.72 -22.54
C3 CLR C . -2.21 -20.11 -23.32
C4 CLR C . -3.08 -18.88 -23.61
C5 CLR C . -3.31 -18.03 -22.36
C6 CLR C . -4.56 -17.57 -22.16
C7 CLR C . -5.09 -17.34 -20.76
C8 CLR C . -4.08 -16.55 -19.95
C9 CLR C . -2.70 -17.27 -19.99
C10 CLR C . -2.16 -17.68 -21.39
C11 CLR C . -1.67 -16.68 -18.99
C12 CLR C . -2.21 -16.24 -17.60
C13 CLR C . -3.56 -15.48 -17.63
C14 CLR C . -4.51 -16.33 -18.49
C15 CLR C . -5.94 -15.91 -18.12
C16 CLR C . -5.83 -15.59 -16.63
C17 CLR C . -4.33 -15.49 -16.30
C18 CLR C . -3.36 -14.04 -18.12
C19 CLR C . -1.34 -16.54 -22.03
C20 CLR C . -3.86 -14.56 -15.15
C21 CLR C . -3.05 -15.28 -14.09
C22 CLR C . -4.83 -13.49 -14.63
C23 CLR C . -5.54 -13.83 -13.32
C24 CLR C . -6.27 -12.62 -12.72
C25 CLR C . -6.11 -12.39 -11.22
C26 CLR C . -6.39 -13.61 -10.33
C27 CLR C . -4.86 -11.62 -10.82
O1 CLR C . -1.82 -20.73 -24.56
C1 CLR D . 6.87 13.95 -3.57
C2 CLR D . 6.26 14.39 -2.22
C3 CLR D . 6.22 13.29 -1.14
C4 CLR D . 7.53 12.52 -1.02
C5 CLR D . 8.15 12.19 -2.37
C6 CLR D . 8.60 10.92 -2.53
C7 CLR D . 8.85 10.32 -3.90
C8 CLR D . 9.51 11.36 -4.80
C9 CLR D . 8.60 12.62 -4.87
C10 CLR D . 8.25 13.25 -3.49
C11 CLR D . 8.94 13.61 -6.01
C12 CLR D . 9.57 13.06 -7.31
C13 CLR D . 10.49 11.84 -7.16
C14 CLR D . 9.78 10.84 -6.24
C15 CLR D . 10.34 9.45 -6.50
C16 CLR D . 10.67 9.51 -8.00
C17 CLR D . 10.56 10.98 -8.43
C18 CLR D . 11.89 12.24 -6.69
C19 CLR D . 9.34 14.27 -3.09
C20 CLR D . 11.38 11.47 -9.64
C21 CLR D . 10.44 11.85 -10.78
C22 CLR D . 12.52 10.55 -10.09
C23 CLR D . 13.49 11.17 -11.09
C24 CLR D . 14.45 10.11 -11.64
C25 CLR D . 14.58 10.05 -13.17
C26 CLR D . 13.31 9.69 -13.95
C27 CLR D . 15.36 11.22 -13.78
O1 CLR D . 5.94 13.90 0.12
C10 OLC E . 1.11 -10.18 -11.08
C9 OLC E . 1.80 -9.14 -10.61
C8 OLC E . 3.24 -9.31 -10.17
C24 OLC E . 7.92 -12.07 -21.35
C7 OLC E . 4.15 -8.40 -11.00
C6 OLC E . 5.31 -9.19 -11.61
C5 OLC E . 6.00 -8.41 -12.72
C4 OLC E . 6.90 -9.28 -13.57
C3 OLC E . 6.59 -9.13 -15.06
C2 OLC E . 5.97 -10.41 -15.61
C21 OLC E . 6.69 -11.80 -19.19
C1 OLC E . 6.03 -10.45 -17.11
C22 OLC E . 8.05 -11.72 -19.86
O19 OLC E . 5.42 -9.62 -17.77
O25 OLC E . 9.09 -11.67 -22.08
O23 OLC E . 8.59 -10.39 -19.73
O20 OLC E . 6.81 -11.49 -17.79
C10 OLC F . 11.82 16.00 -9.85
C9 OLC F . 10.51 16.14 -9.57
C11 OLC F . 12.41 15.10 -10.90
C8 OLC F . 9.37 15.43 -10.27
C24 OLC F . -0.58 17.42 -3.31
C12 OLC F . 13.93 15.06 -10.73
C7 OLC F . 8.08 15.68 -9.50
C13 OLC F . 14.64 14.71 -12.03
C6 OLC F . 6.89 14.92 -10.09
C14 OLC F . 16.12 14.41 -11.80
C5 OLC F . 5.75 14.81 -9.07
C4 OLC F . 4.57 15.71 -9.41
C3 OLC F . 3.39 15.45 -8.48
C2 OLC F . 2.98 16.71 -7.72
C21 OLC F . 0.38 16.17 -5.28
C1 OLC F . 2.68 16.42 -6.26
C22 OLC F . 0.10 16.13 -3.77
O19 OLC F . 3.44 15.73 -5.59
O25 OLC F . -1.96 17.43 -3.66
O23 OLC F . -0.72 15.01 -3.45
O20 OLC F . 1.50 16.99 -5.61
#